data_1I55
#
_entry.id   1I55
#
_cell.length_a   74.359
_cell.length_b   74.359
_cell.length_c   35.703
_cell.angle_alpha   90.00
_cell.angle_beta   90.00
_cell.angle_gamma   90.00
#
_symmetry.space_group_name_H-M   'P 43'
#
loop_
_entity.id
_entity.type
_entity.pdbx_description
1 polymer 'CYTOCHROME C'
2 non-polymer 'HEME C'
3 non-polymer 'PROTOPORPHYRIN IX CONTAINING ZN'
4 water water
#
_entity_poly.entity_id   1
_entity_poly.type   'polypeptide(L)'
_entity_poly.pdbx_seq_one_letter_code
;GDVAKGKKTFVQKCAQCHTVENGGKHKVGPNLWGLFGRKTGQAEGYSYTDANKSKGIVWNNDTLMEYLENPKKYIPGTKM
IFAGIKKKGERQDLVAYLKSATS
;
_entity_poly.pdbx_strand_id   A,B
#
loop_
_chem_comp.id
_chem_comp.type
_chem_comp.name
_chem_comp.formula
HEC non-polymer 'HEME C' 'C34 H34 Fe N4 O4'
ZNH non-polymer 'PROTOPORPHYRIN IX CONTAINING ZN' 'C34 H32 N4 O4 Zn'
#
# COMPACT_ATOMS: atom_id res chain seq x y z
N GLY A 1 -10.36 -10.37 -13.65
CA GLY A 1 -10.72 -9.34 -12.62
C GLY A 1 -10.17 -7.95 -12.92
N ASP A 2 -10.52 -7.00 -12.07
CA ASP A 2 -10.08 -5.62 -12.21
C ASP A 2 -8.70 -5.47 -11.57
N VAL A 3 -7.69 -5.30 -12.42
CA VAL A 3 -6.30 -5.16 -11.96
C VAL A 3 -6.08 -3.97 -11.04
N ALA A 4 -6.67 -2.82 -11.36
CA ALA A 4 -6.51 -1.63 -10.53
C ALA A 4 -7.06 -1.85 -9.12
N LYS A 5 -8.23 -2.49 -9.03
CA LYS A 5 -8.84 -2.77 -7.73
C LYS A 5 -8.00 -3.78 -6.96
N GLY A 6 -7.48 -4.77 -7.67
CA GLY A 6 -6.66 -5.78 -7.03
C GLY A 6 -5.38 -5.19 -6.45
N LYS A 7 -4.82 -4.20 -7.14
CA LYS A 7 -3.60 -3.56 -6.67
C LYS A 7 -3.80 -2.89 -5.32
N LYS A 8 -4.92 -2.18 -5.17
CA LYS A 8 -5.20 -1.51 -3.90
C LYS A 8 -5.43 -2.53 -2.80
N THR A 9 -6.02 -3.68 -3.16
CA THR A 9 -6.25 -4.74 -2.19
C THR A 9 -4.91 -5.32 -1.75
N PHE A 10 -4.01 -5.51 -2.71
CA PHE A 10 -2.69 -6.04 -2.42
C PHE A 10 -1.94 -5.08 -1.49
N VAL A 11 -1.91 -3.80 -1.86
CA VAL A 11 -1.23 -2.79 -1.04
C VAL A 11 -1.76 -2.74 0.39
N GLN A 12 -3.07 -2.86 0.55
CA GLN A 12 -3.71 -2.81 1.86
C GLN A 12 -3.56 -4.08 2.71
N LYS A 13 -3.66 -5.24 2.07
CA LYS A 13 -3.63 -6.52 2.78
C LYS A 13 -2.45 -7.47 2.57
N CYS A 14 -1.64 -7.26 1.53
CA CYS A 14 -0.53 -8.17 1.28
C CYS A 14 0.86 -7.54 1.30
N ALA A 15 0.94 -6.26 0.92
CA ALA A 15 2.21 -5.55 0.84
C ALA A 15 3.11 -5.59 2.06
N GLN A 16 2.53 -5.64 3.25
CA GLN A 16 3.31 -5.68 4.48
C GLN A 16 4.19 -6.93 4.61
N CYS A 17 3.83 -7.98 3.87
CA CYS A 17 4.59 -9.22 3.90
C CYS A 17 5.10 -9.71 2.56
N HIS A 18 4.75 -9.02 1.47
CA HIS A 18 5.16 -9.44 0.13
C HIS A 18 5.56 -8.33 -0.84
N THR A 19 6.45 -8.68 -1.76
CA THR A 19 6.87 -7.80 -2.85
C THR A 19 6.53 -8.64 -4.09
N VAL A 20 6.33 -7.99 -5.23
CA VAL A 20 5.98 -8.74 -6.43
C VAL A 20 6.95 -8.57 -7.60
N GLU A 21 7.69 -7.48 -7.58
CA GLU A 21 8.64 -7.18 -8.65
C GLU A 21 9.79 -8.16 -8.81
N ASN A 22 10.34 -8.20 -10.02
CA ASN A 22 11.45 -9.07 -10.36
C ASN A 22 12.68 -8.65 -9.56
N GLY A 23 13.23 -9.58 -8.79
CA GLY A 23 14.39 -9.29 -7.97
C GLY A 23 13.96 -8.75 -6.62
N GLY A 24 12.66 -8.81 -6.36
CA GLY A 24 12.11 -8.32 -5.11
C GLY A 24 12.64 -8.99 -3.86
N LYS A 25 12.69 -8.24 -2.77
CA LYS A 25 13.16 -8.79 -1.51
C LYS A 25 12.07 -9.55 -0.77
N HIS A 26 12.49 -10.58 -0.03
CA HIS A 26 11.56 -11.37 0.77
C HIS A 26 11.37 -10.59 2.05
N LYS A 27 10.13 -10.40 2.47
CA LYS A 27 9.86 -9.70 3.72
C LYS A 27 9.44 -10.77 4.70
N VAL A 28 8.25 -10.67 5.28
CA VAL A 28 7.78 -11.71 6.20
C VAL A 28 7.53 -12.92 5.32
N GLY A 29 6.92 -12.66 4.15
CA GLY A 29 6.62 -13.69 3.18
C GLY A 29 7.56 -13.59 1.99
N PRO A 30 7.54 -14.57 1.08
CA PRO A 30 8.41 -14.59 -0.11
C PRO A 30 8.02 -13.63 -1.22
N ASN A 31 9.00 -13.20 -2.01
CA ASN A 31 8.74 -12.34 -3.14
C ASN A 31 7.88 -13.22 -4.05
N LEU A 32 6.90 -12.61 -4.73
CA LEU A 32 5.98 -13.36 -5.56
C LEU A 32 6.22 -13.43 -7.06
N TRP A 33 7.30 -12.84 -7.55
CA TRP A 33 7.59 -12.88 -8.98
C TRP A 33 7.68 -14.32 -9.51
N GLY A 34 6.94 -14.60 -10.59
CA GLY A 34 6.96 -15.94 -11.18
C GLY A 34 6.07 -17.01 -10.55
N LEU A 35 5.17 -16.58 -9.68
CA LEU A 35 4.22 -17.44 -8.96
C LEU A 35 3.36 -18.33 -9.84
N PHE A 36 2.72 -17.75 -10.86
CA PHE A 36 1.84 -18.51 -11.75
C PHE A 36 2.55 -19.59 -12.56
N GLY A 37 1.96 -20.78 -12.60
CA GLY A 37 2.54 -21.88 -13.35
C GLY A 37 3.65 -22.61 -12.61
N ARG A 38 3.96 -22.15 -11.41
CA ARG A 38 5.02 -22.74 -10.59
C ARG A 38 4.41 -23.43 -9.37
N LYS A 39 5.04 -24.53 -8.94
CA LYS A 39 4.54 -25.26 -7.78
C LYS A 39 4.77 -24.43 -6.51
N THR A 40 4.08 -24.82 -5.43
CA THR A 40 4.19 -24.11 -4.16
C THR A 40 5.60 -24.11 -3.57
N GLY A 41 5.93 -23.01 -2.91
CA GLY A 41 7.22 -22.86 -2.28
C GLY A 41 8.44 -22.97 -3.14
N GLN A 42 8.45 -22.25 -4.26
CA GLN A 42 9.59 -22.31 -5.16
C GLN A 42 10.33 -20.98 -5.35
N ALA A 43 9.97 -19.97 -4.56
CA ALA A 43 10.65 -18.67 -4.63
C ALA A 43 12.09 -18.89 -4.18
N GLU A 44 13.04 -18.42 -4.97
CA GLU A 44 14.46 -18.60 -4.68
C GLU A 44 14.94 -17.93 -3.39
N GLY A 45 15.63 -18.73 -2.57
CA GLY A 45 16.20 -18.21 -1.33
C GLY A 45 15.27 -18.00 -0.14
N TYR A 46 13.99 -18.31 -0.29
CA TYR A 46 13.06 -18.13 0.82
C TYR A 46 12.90 -19.44 1.61
N SER A 47 12.92 -19.32 2.93
CA SER A 47 12.76 -20.47 3.82
C SER A 47 11.29 -20.73 4.14
N TYR A 48 10.66 -21.61 3.35
CA TYR A 48 9.25 -21.96 3.55
C TYR A 48 9.12 -23.05 4.59
N THR A 49 7.90 -23.22 5.10
CA THR A 49 7.60 -24.27 6.06
C THR A 49 7.56 -25.55 5.21
N ASP A 50 7.60 -26.71 5.86
CA ASP A 50 7.54 -27.97 5.12
C ASP A 50 6.19 -28.08 4.44
N ALA A 51 5.16 -27.55 5.10
CA ALA A 51 3.79 -27.59 4.59
C ALA A 51 3.63 -26.86 3.27
N ASN A 52 4.12 -25.63 3.18
CA ASN A 52 4.00 -24.85 1.96
C ASN A 52 4.78 -25.60 0.86
N LYS A 53 5.98 -26.06 1.20
CA LYS A 53 6.81 -26.79 0.23
C LYS A 53 6.21 -28.12 -0.24
N SER A 54 5.53 -28.82 0.66
CA SER A 54 4.95 -30.13 0.34
C SER A 54 3.56 -30.16 -0.31
N LYS A 55 2.82 -29.05 -0.26
CA LYS A 55 1.47 -29.00 -0.83
C LYS A 55 1.44 -29.66 -2.22
N GLY A 56 2.48 -29.40 -3.01
CA GLY A 56 2.61 -30.01 -4.33
C GLY A 56 1.74 -29.55 -5.46
N ILE A 57 0.92 -28.53 -5.24
CA ILE A 57 0.05 -28.03 -6.31
C ILE A 57 0.71 -26.91 -7.11
N VAL A 58 0.14 -26.65 -8.28
CA VAL A 58 0.64 -25.59 -9.16
C VAL A 58 -0.23 -24.35 -8.95
N TRP A 59 0.42 -23.21 -8.71
CA TRP A 59 -0.31 -21.95 -8.51
C TRP A 59 -0.84 -21.43 -9.84
N ASN A 60 -2.13 -21.13 -9.86
CA ASN A 60 -2.81 -20.58 -11.04
C ASN A 60 -4.11 -19.94 -10.52
N ASN A 61 -4.99 -19.55 -11.43
CA ASN A 61 -6.25 -18.92 -11.04
C ASN A 61 -7.07 -19.72 -10.03
N ASP A 62 -7.31 -20.99 -10.34
CA ASP A 62 -8.13 -21.82 -9.47
C ASP A 62 -7.55 -22.14 -8.11
N THR A 63 -6.26 -22.44 -8.05
CA THR A 63 -5.63 -22.76 -6.76
C THR A 63 -5.43 -21.52 -5.91
N LEU A 64 -5.11 -20.39 -6.54
CA LEU A 64 -4.92 -19.12 -5.82
C LEU A 64 -6.23 -18.61 -5.25
N MET A 65 -7.31 -18.79 -6.00
CA MET A 65 -8.64 -18.35 -5.57
C MET A 65 -9.06 -19.11 -4.31
N GLU A 66 -8.79 -20.41 -4.29
CA GLU A 66 -9.15 -21.25 -3.14
C GLU A 66 -8.27 -20.93 -1.94
N TYR A 67 -6.96 -20.90 -2.18
CA TYR A 67 -5.97 -20.61 -1.16
C TYR A 67 -6.25 -19.30 -0.43
N LEU A 68 -6.39 -18.23 -1.20
CA LEU A 68 -6.64 -16.89 -0.65
C LEU A 68 -7.92 -16.71 0.15
N GLU A 69 -8.86 -17.63 0.01
CA GLU A 69 -10.11 -17.54 0.75
C GLU A 69 -9.86 -17.97 2.21
N ASN A 70 -8.99 -18.96 2.40
CA ASN A 70 -8.64 -19.47 3.72
C ASN A 70 -7.28 -20.17 3.62
N PRO A 71 -6.19 -19.40 3.77
CA PRO A 71 -4.82 -19.91 3.70
C PRO A 71 -4.50 -21.17 4.50
N LYS A 72 -4.81 -21.15 5.80
CA LYS A 72 -4.53 -22.27 6.69
C LYS A 72 -5.31 -23.55 6.36
N LYS A 73 -6.49 -23.38 5.77
CA LYS A 73 -7.31 -24.53 5.40
C LYS A 73 -6.69 -25.25 4.21
N TYR A 74 -6.20 -24.47 3.25
CA TYR A 74 -5.59 -25.03 2.05
C TYR A 74 -4.19 -25.57 2.35
N ILE A 75 -3.45 -24.88 3.21
CA ILE A 75 -2.10 -25.30 3.56
C ILE A 75 -1.94 -25.33 5.08
N PRO A 76 -2.49 -26.37 5.74
CA PRO A 76 -2.38 -26.48 7.20
C PRO A 76 -0.91 -26.50 7.64
N GLY A 77 -0.59 -25.65 8.62
CA GLY A 77 0.77 -25.58 9.10
C GLY A 77 1.57 -24.45 8.47
N THR A 78 0.94 -23.72 7.55
CA THR A 78 1.60 -22.60 6.90
C THR A 78 1.93 -21.50 7.91
N LYS A 79 3.00 -20.75 7.66
CA LYS A 79 3.35 -19.65 8.55
C LYS A 79 2.77 -18.33 8.05
N MET A 80 1.96 -18.40 7.00
CA MET A 80 1.30 -17.22 6.49
C MET A 80 0.11 -17.02 7.41
N ILE A 81 0.20 -16.03 8.28
CA ILE A 81 -0.88 -15.75 9.23
C ILE A 81 -1.78 -14.64 8.69
N PHE A 82 -2.76 -15.07 7.89
CA PHE A 82 -3.72 -14.17 7.25
C PHE A 82 -5.04 -14.93 7.13
N ALA A 83 -6.12 -14.31 7.60
CA ALA A 83 -7.44 -14.94 7.58
C ALA A 83 -7.99 -15.26 6.19
N GLY A 84 -7.65 -14.44 5.21
CA GLY A 84 -8.12 -14.66 3.86
C GLY A 84 -9.07 -13.60 3.36
N ILE A 85 -9.26 -13.55 2.04
CA ILE A 85 -10.16 -12.61 1.40
C ILE A 85 -11.45 -13.40 1.20
N LYS A 86 -12.47 -13.08 1.98
CA LYS A 86 -13.75 -13.80 1.92
C LYS A 86 -14.64 -13.57 0.70
N LYS A 87 -14.66 -12.34 0.19
CA LYS A 87 -15.47 -12.02 -0.98
C LYS A 87 -14.81 -12.52 -2.25
N LYS A 88 -15.56 -13.28 -3.04
CA LYS A 88 -15.05 -13.85 -4.28
C LYS A 88 -14.63 -12.80 -5.31
N GLY A 89 -15.44 -11.76 -5.45
CA GLY A 89 -15.13 -10.70 -6.39
C GLY A 89 -13.83 -9.99 -6.07
N GLU A 90 -13.59 -9.72 -4.78
CA GLU A 90 -12.38 -9.05 -4.32
C GLU A 90 -11.18 -9.97 -4.56
N ARG A 91 -11.41 -11.26 -4.35
CA ARG A 91 -10.37 -12.26 -4.54
C ARG A 91 -10.00 -12.36 -6.02
N GLN A 92 -11.00 -12.34 -6.91
CA GLN A 92 -10.76 -12.41 -8.34
C GLN A 92 -9.96 -11.22 -8.85
N ASP A 93 -10.28 -10.03 -8.35
CA ASP A 93 -9.56 -8.82 -8.76
C ASP A 93 -8.13 -8.88 -8.27
N LEU A 94 -7.93 -9.43 -7.07
CA LEU A 94 -6.58 -9.55 -6.52
C LEU A 94 -5.75 -10.50 -7.37
N VAL A 95 -6.35 -11.63 -7.75
CA VAL A 95 -5.66 -12.61 -8.59
C VAL A 95 -5.29 -11.97 -9.93
N ALA A 96 -6.19 -11.17 -10.47
CA ALA A 96 -5.94 -10.49 -11.74
C ALA A 96 -4.71 -9.59 -11.61
N TYR A 97 -4.59 -8.89 -10.49
CA TYR A 97 -3.43 -8.02 -10.26
C TYR A 97 -2.17 -8.86 -10.11
N LEU A 98 -2.28 -9.93 -9.33
CA LEU A 98 -1.15 -10.83 -9.09
C LEU A 98 -0.59 -11.36 -10.41
N LYS A 99 -1.48 -11.77 -11.31
CA LYS A 99 -1.06 -12.29 -12.61
C LYS A 99 -0.32 -11.23 -13.43
N SER A 100 -0.82 -10.00 -13.40
CA SER A 100 -0.21 -8.91 -14.14
C SER A 100 1.10 -8.38 -13.54
N ALA A 101 1.17 -8.33 -12.21
CA ALA A 101 2.35 -7.80 -11.52
C ALA A 101 3.50 -8.78 -11.27
N THR A 102 3.25 -10.07 -11.46
CA THR A 102 4.26 -11.09 -11.21
C THR A 102 4.92 -11.70 -12.44
N SER A 103 4.80 -11.02 -13.57
CA SER A 103 5.40 -11.46 -14.82
C SER A 103 5.41 -10.29 -15.80
N GLY B 1 5.90 6.29 -9.26
CA GLY B 1 6.30 5.93 -7.85
C GLY B 1 5.81 4.55 -7.46
N ASP B 2 6.47 3.92 -6.48
CA ASP B 2 6.04 2.61 -6.04
C ASP B 2 5.08 2.75 -4.87
N VAL B 3 3.81 2.46 -5.12
CA VAL B 3 2.76 2.58 -4.11
C VAL B 3 3.05 1.76 -2.85
N ALA B 4 3.55 0.54 -3.04
CA ALA B 4 3.86 -0.35 -1.91
C ALA B 4 4.94 0.25 -1.01
N LYS B 5 5.98 0.82 -1.60
CA LYS B 5 7.06 1.43 -0.83
C LYS B 5 6.55 2.71 -0.17
N GLY B 6 5.66 3.40 -0.87
CA GLY B 6 5.08 4.63 -0.34
C GLY B 6 4.25 4.33 0.90
N LYS B 7 3.55 3.19 0.88
CA LYS B 7 2.71 2.79 2.00
C LYS B 7 3.53 2.63 3.29
N LYS B 8 4.65 1.92 3.19
CA LYS B 8 5.50 1.71 4.36
C LYS B 8 6.01 3.04 4.90
N THR B 9 6.36 3.95 4.00
CA THR B 9 6.84 5.27 4.39
C THR B 9 5.74 6.00 5.16
N PHE B 10 4.51 5.94 4.64
CA PHE B 10 3.38 6.59 5.29
C PHE B 10 3.14 6.04 6.68
N VAL B 11 3.09 4.72 6.79
CA VAL B 11 2.85 4.05 8.07
C VAL B 11 3.94 4.39 9.09
N GLN B 12 5.19 4.54 8.63
CA GLN B 12 6.30 4.84 9.51
C GLN B 12 6.46 6.31 9.89
N LYS B 13 6.21 7.21 8.94
CA LYS B 13 6.40 8.64 9.17
C LYS B 13 5.17 9.56 9.21
N CYS B 14 4.03 9.11 8.67
CA CYS B 14 2.83 9.94 8.65
C CYS B 14 1.67 9.47 9.52
N ALA B 15 1.53 8.14 9.64
CA ALA B 15 0.44 7.51 10.38
C ALA B 15 0.21 7.96 11.83
N GLN B 16 1.23 8.46 12.49
CA GLN B 16 1.08 8.90 13.87
C GLN B 16 0.26 10.18 13.99
N CYS B 17 0.12 10.89 12.87
CA CYS B 17 -0.64 12.13 12.87
C CYS B 17 -1.75 12.18 11.81
N HIS B 18 -1.78 11.19 10.92
CA HIS B 18 -2.78 11.18 9.85
C HIS B 18 -3.39 9.80 9.55
N THR B 19 -4.57 9.85 8.95
CA THR B 19 -5.30 8.67 8.49
C THR B 19 -5.60 9.02 7.03
N VAL B 20 -5.55 8.05 6.14
CA VAL B 20 -5.82 8.30 4.74
C VAL B 20 -7.14 7.74 4.25
N GLU B 21 -7.62 6.71 4.93
CA GLU B 21 -8.85 6.04 4.56
C GLU B 21 -10.06 6.95 4.50
N ASN B 22 -10.99 6.57 3.64
CA ASN B 22 -12.24 7.31 3.46
C ASN B 22 -13.01 7.18 4.77
N GLY B 23 -13.35 8.32 5.37
CA GLY B 23 -14.07 8.32 6.64
C GLY B 23 -13.14 8.23 7.84
N GLY B 24 -11.84 8.26 7.59
CA GLY B 24 -10.86 8.21 8.67
C GLY B 24 -10.97 9.43 9.57
N LYS B 25 -10.62 9.26 10.83
CA LYS B 25 -10.70 10.35 11.81
C LYS B 25 -9.51 11.30 11.77
N HIS B 26 -9.75 12.51 12.27
CA HIS B 26 -8.72 13.54 12.35
C HIS B 26 -7.93 13.24 13.61
N LYS B 27 -6.61 13.34 13.52
CA LYS B 27 -5.73 13.10 14.66
C LYS B 27 -4.99 14.42 14.87
N VAL B 28 -3.69 14.37 15.16
CA VAL B 28 -2.93 15.61 15.32
C VAL B 28 -3.10 16.37 14.01
N GLY B 29 -3.11 15.61 12.91
CA GLY B 29 -3.30 16.18 11.59
C GLY B 29 -4.62 15.77 10.98
N PRO B 30 -5.06 16.43 9.90
CA PRO B 30 -6.34 16.10 9.25
C PRO B 30 -6.34 14.78 8.49
N ASN B 31 -7.52 14.17 8.36
CA ASN B 31 -7.67 12.96 7.58
C ASN B 31 -7.35 13.43 6.16
N LEU B 32 -6.69 12.58 5.37
CA LEU B 32 -6.28 12.99 4.02
C LEU B 32 -7.14 12.54 2.83
N TRP B 33 -8.28 11.90 3.08
CA TRP B 33 -9.15 11.46 2.00
C TRP B 33 -9.63 12.61 1.12
N GLY B 34 -9.46 12.45 -0.19
CA GLY B 34 -9.88 13.46 -1.15
C GLY B 34 -8.87 14.57 -1.36
N LEU B 35 -7.65 14.35 -0.88
CA LEU B 35 -6.56 15.32 -0.97
C LEU B 35 -6.26 15.89 -2.35
N PHE B 36 -6.10 15.02 -3.34
CA PHE B 36 -5.76 15.44 -4.70
C PHE B 36 -6.84 16.22 -5.43
N GLY B 37 -6.43 17.29 -6.12
CA GLY B 37 -7.35 18.12 -6.86
C GLY B 37 -8.12 19.10 -5.99
N ARG B 38 -7.83 19.08 -4.69
CA ARG B 38 -8.49 19.97 -3.74
C ARG B 38 -7.52 21.01 -3.20
N LYS B 39 -8.03 22.19 -2.88
CA LYS B 39 -7.21 23.28 -2.36
C LYS B 39 -6.73 22.97 -0.94
N THR B 40 -5.70 23.68 -0.49
CA THR B 40 -5.14 23.48 0.85
C THR B 40 -6.13 23.78 1.97
N GLY B 41 -6.10 22.98 3.02
CA GLY B 41 -6.96 23.16 4.17
C GLY B 41 -8.45 23.05 3.95
N GLN B 42 -8.86 22.02 3.22
CA GLN B 42 -10.26 21.82 2.91
C GLN B 42 -10.92 20.62 3.58
N ALA B 43 -10.17 19.88 4.40
CA ALA B 43 -10.74 18.73 5.10
C ALA B 43 -11.74 19.24 6.11
N GLU B 44 -13.01 18.90 5.88
CA GLU B 44 -14.10 19.32 6.74
C GLU B 44 -13.97 18.78 8.17
N GLY B 45 -14.22 19.65 9.15
CA GLY B 45 -14.14 19.26 10.54
C GLY B 45 -12.80 19.44 11.23
N TYR B 46 -11.78 19.79 10.46
CA TYR B 46 -10.45 19.99 11.03
C TYR B 46 -10.13 21.48 11.13
N SER B 47 -9.51 21.87 12.24
CA SER B 47 -9.12 23.26 12.48
C SER B 47 -7.69 23.49 12.01
N TYR B 48 -7.56 24.08 10.84
CA TYR B 48 -6.25 24.38 10.25
C TYR B 48 -5.75 25.74 10.69
N THR B 49 -4.47 25.99 10.46
CA THR B 49 -3.88 27.29 10.76
C THR B 49 -4.30 28.19 9.60
N ASP B 50 -4.24 29.51 9.80
CA ASP B 50 -4.59 30.44 8.73
C ASP B 50 -3.64 30.24 7.55
N ALA B 51 -2.39 29.90 7.86
CA ALA B 51 -1.35 29.69 6.86
C ALA B 51 -1.70 28.55 5.90
N ASN B 52 -2.07 27.41 6.46
CA ASN B 52 -2.42 26.25 5.65
C ASN B 52 -3.61 26.62 4.75
N LYS B 53 -4.65 27.20 5.34
CA LYS B 53 -5.85 27.57 4.58
C LYS B 53 -5.57 28.65 3.52
N SER B 54 -4.69 29.60 3.85
CA SER B 54 -4.37 30.69 2.94
C SER B 54 -3.38 30.39 1.82
N LYS B 55 -2.66 29.28 1.90
CA LYS B 55 -1.67 28.94 0.86
C LYS B 55 -2.31 29.13 -0.52
N GLY B 56 -3.53 28.61 -0.66
CA GLY B 56 -4.27 28.77 -1.90
C GLY B 56 -3.89 27.96 -3.12
N ILE B 57 -3.06 26.94 -2.96
CA ILE B 57 -2.70 26.12 -4.11
C ILE B 57 -3.51 24.82 -4.11
N VAL B 58 -3.50 24.12 -5.23
CA VAL B 58 -4.23 22.85 -5.35
C VAL B 58 -3.26 21.69 -5.11
N TRP B 59 -3.61 20.77 -4.22
CA TRP B 59 -2.76 19.62 -3.93
C TRP B 59 -2.76 18.62 -5.09
N ASN B 60 -1.57 18.28 -5.57
CA ASN B 60 -1.38 17.29 -6.66
C ASN B 60 0.05 16.79 -6.57
N ASN B 61 0.46 15.95 -7.52
CA ASN B 61 1.82 15.39 -7.53
C ASN B 61 2.92 16.42 -7.31
N ASP B 62 2.95 17.45 -8.14
CA ASP B 62 3.97 18.49 -8.07
C ASP B 62 3.98 19.27 -6.76
N THR B 63 2.83 19.81 -6.36
CA THR B 63 2.75 20.60 -5.12
C THR B 63 3.03 19.76 -3.87
N LEU B 64 2.55 18.52 -3.84
CA LEU B 64 2.79 17.63 -2.69
C LEU B 64 4.27 17.28 -2.60
N MET B 65 4.90 17.06 -3.75
CA MET B 65 6.31 16.74 -3.80
C MET B 65 7.16 17.84 -3.18
N GLU B 66 6.86 19.09 -3.52
CA GLU B 66 7.61 20.24 -2.98
C GLU B 66 7.33 20.41 -1.49
N TYR B 67 6.07 20.31 -1.13
CA TYR B 67 5.63 20.44 0.26
C TYR B 67 6.29 19.44 1.20
N LEU B 68 6.21 18.16 0.84
CA LEU B 68 6.78 17.10 1.66
C LEU B 68 8.30 17.13 1.80
N GLU B 69 8.97 17.90 0.94
CA GLU B 69 10.41 18.00 1.00
C GLU B 69 10.81 18.89 2.19
N ASN B 70 10.00 19.92 2.45
CA ASN B 70 10.23 20.86 3.55
C ASN B 70 8.90 21.59 3.81
N PRO B 71 8.03 20.99 4.63
CA PRO B 71 6.71 21.53 5.01
C PRO B 71 6.65 23.01 5.42
N LYS B 72 7.53 23.41 6.34
CA LYS B 72 7.52 24.79 6.81
C LYS B 72 7.99 25.82 5.79
N LYS B 73 8.84 25.42 4.85
CA LYS B 73 9.31 26.35 3.82
C LYS B 73 8.15 26.63 2.85
N TYR B 74 7.38 25.60 2.53
CA TYR B 74 6.27 25.75 1.60
C TYR B 74 5.10 26.49 2.26
N ILE B 75 4.82 26.15 3.52
CA ILE B 75 3.72 26.79 4.24
C ILE B 75 4.21 27.36 5.58
N PRO B 76 4.86 28.54 5.54
CA PRO B 76 5.37 29.19 6.75
C PRO B 76 4.20 29.42 7.71
N GLY B 77 4.39 29.02 8.97
CA GLY B 77 3.34 29.19 9.96
C GLY B 77 2.50 27.94 10.17
N THR B 78 2.80 26.88 9.42
CA THR B 78 2.06 25.62 9.54
C THR B 78 2.32 24.95 10.88
N LYS B 79 1.29 24.28 11.42
CA LYS B 79 1.45 23.57 12.68
C LYS B 79 1.89 22.13 12.45
N MET B 80 2.16 21.80 11.19
CA MET B 80 2.64 20.46 10.86
C MET B 80 4.13 20.52 11.15
N ILE B 81 4.51 19.93 12.28
CA ILE B 81 5.91 19.93 12.69
C ILE B 81 6.56 18.63 12.25
N PHE B 82 7.14 18.66 11.05
CA PHE B 82 7.79 17.51 10.45
C PHE B 82 8.85 18.04 9.47
N ALA B 83 10.09 17.57 9.60
CA ALA B 83 11.19 18.03 8.75
C ALA B 83 11.02 17.81 7.26
N GLY B 84 10.36 16.70 6.89
CA GLY B 84 10.13 16.39 5.50
C GLY B 84 10.90 15.18 5.00
N ILE B 85 10.51 14.66 3.84
CA ILE B 85 11.18 13.53 3.23
C ILE B 85 12.21 14.15 2.29
N LYS B 86 13.48 14.09 2.65
CA LYS B 86 14.54 14.69 1.84
C LYS B 86 14.88 13.97 0.54
N LYS B 87 14.74 12.65 0.52
CA LYS B 87 15.03 11.86 -0.68
C LYS B 87 13.93 11.95 -1.73
N LYS B 88 14.32 12.34 -2.94
CA LYS B 88 13.39 12.48 -4.06
C LYS B 88 12.63 11.20 -4.39
N GLY B 89 13.34 10.09 -4.50
CA GLY B 89 12.71 8.81 -4.80
C GLY B 89 11.69 8.41 -3.75
N GLU B 90 12.05 8.57 -2.48
CA GLU B 90 11.17 8.24 -1.36
C GLU B 90 9.93 9.13 -1.39
N ARG B 91 10.11 10.39 -1.79
CA ARG B 91 8.98 11.33 -1.88
C ARG B 91 8.02 10.92 -2.98
N GLN B 92 8.57 10.55 -4.13
CA GLN B 92 7.78 10.13 -5.29
C GLN B 92 6.90 8.94 -4.92
N ASP B 93 7.50 7.97 -4.24
CA ASP B 93 6.79 6.76 -3.83
C ASP B 93 5.68 7.08 -2.84
N LEU B 94 5.97 7.96 -1.88
CA LEU B 94 4.98 8.35 -0.88
C LEU B 94 3.80 9.04 -1.56
N VAL B 95 4.10 9.99 -2.46
CA VAL B 95 3.06 10.70 -3.18
C VAL B 95 2.22 9.73 -4.01
N ALA B 96 2.87 8.71 -4.57
CA ALA B 96 2.17 7.70 -5.36
C ALA B 96 1.18 6.96 -4.48
N TYR B 97 1.59 6.68 -3.24
CA TYR B 97 0.71 5.99 -2.29
C TYR B 97 -0.45 6.89 -1.91
N LEU B 98 -0.14 8.15 -1.59
CA LEU B 98 -1.19 9.11 -1.23
C LEU B 98 -2.25 9.17 -2.32
N LYS B 99 -1.81 9.23 -3.57
CA LYS B 99 -2.74 9.28 -4.71
C LYS B 99 -3.64 8.05 -4.76
N SER B 100 -3.08 6.88 -4.43
CA SER B 100 -3.83 5.64 -4.45
C SER B 100 -4.74 5.44 -3.25
N ALA B 101 -4.31 5.91 -2.08
CA ALA B 101 -5.07 5.76 -0.84
C ALA B 101 -6.06 6.87 -0.49
N THR B 102 -6.01 8.00 -1.19
CA THR B 102 -6.93 9.09 -0.90
C THR B 102 -8.09 9.26 -1.89
N SER B 103 -8.25 8.28 -2.78
CA SER B 103 -9.36 8.29 -3.74
C SER B 103 -9.65 6.88 -4.23
FE HEC C . 1.33 -14.35 1.91
CHA HEC C . 3.07 -17.25 1.34
CHB HEC C . -0.11 -14.60 -1.15
CHC HEC C . -0.76 -11.75 2.68
CHD HEC C . 2.90 -14.00 4.94
NA HEC C . 1.44 -15.69 0.38
C1A HEC C . 2.18 -16.84 0.33
C2A HEC C . 1.96 -17.51 -0.94
C3A HEC C . 1.09 -16.73 -1.65
C4A HEC C . 0.78 -15.60 -0.82
CMA HEC C . 0.52 -16.99 -3.03
CAA HEC C . 2.57 -18.82 -1.42
CBA HEC C . 3.87 -18.50 -2.12
CGA HEC C . 4.57 -19.73 -2.68
O1A HEC C . 5.60 -19.56 -3.35
O2A HEC C . 4.08 -20.87 -2.46
NB HEC C . -0.18 -13.37 0.95
C1B HEC C . -0.55 -13.56 -0.35
C2B HEC C . -1.53 -12.58 -0.75
C3B HEC C . -1.78 -11.81 0.36
C4B HEC C . -0.91 -12.31 1.41
CMB HEC C . -2.06 -12.39 -2.17
CAB HEC C . -2.73 -10.81 0.48
CBB HEC C . -4.08 -11.09 0.38
NC HEC C . 1.04 -13.16 3.56
C1C HEC C . 0.14 -12.14 3.68
C2C HEC C . 0.34 -11.42 4.91
C3C HEC C . 1.42 -11.99 5.54
C4C HEC C . 1.84 -13.10 4.68
CMC HEC C . -0.53 -10.25 5.35
CAC HEC C . 2.10 -11.59 6.70
CBC HEC C . 1.51 -11.24 7.90
ND HEC C . 2.75 -15.41 2.93
C1D HEC C . 3.31 -15.08 4.13
C2D HEC C . 4.31 -16.06 4.52
C3D HEC C . 4.31 -17.02 3.55
C4D HEC C . 3.36 -16.60 2.54
CMD HEC C . 5.18 -16.01 5.76
CAD HEC C . 5.09 -18.32 3.56
CBD HEC C . 4.21 -19.35 4.24
CGD HEC C . 4.89 -20.69 4.47
O1D HEC C . 6.06 -20.87 4.06
O2D HEC C . 4.25 -21.58 5.07
ZN ZNH D . 1.33 -14.36 1.94
CHA ZNH D . 3.08 -17.27 1.35
CHB ZNH D . -0.11 -14.60 -1.14
CHC ZNH D . -0.77 -11.76 2.70
CHD ZNH D . 2.90 -14.01 4.96
NA ZNH D . 1.47 -15.69 0.37
C1A ZNH D . 2.20 -16.86 0.33
C2A ZNH D . 1.96 -17.53 -0.94
C3A ZNH D . 1.09 -16.73 -1.65
C4A ZNH D . 0.80 -15.60 -0.82
CMA ZNH D . 0.51 -16.99 -3.02
CAA ZNH D . 2.56 -18.83 -1.42
CBA ZNH D . 3.88 -18.51 -2.12
CGA ZNH D . 4.58 -19.74 -2.67
O1A ZNH D . 5.61 -19.55 -3.35
O2A ZNH D . 4.12 -20.87 -2.45
NB ZNH D . -0.18 -13.39 0.95
C1B ZNH D . -0.55 -13.56 -0.35
C2B ZNH D . -1.52 -12.59 -0.74
C3B ZNH D . -1.78 -11.82 0.37
C4B ZNH D . -0.91 -12.32 1.42
CMB ZNH D . -2.07 -12.40 -2.16
CAB ZNH D . -2.72 -10.81 0.48
CBB ZNH D . -4.08 -11.12 0.37
NC ZNH D . 1.03 -13.18 3.57
C1C ZNH D . 0.14 -12.15 3.68
C2C ZNH D . 0.35 -11.42 4.92
C3C ZNH D . 1.43 -11.99 5.55
C4C ZNH D . 1.84 -13.12 4.69
CMC ZNH D . -0.54 -10.25 5.34
CAC ZNH D . 2.12 -11.58 6.70
CBC ZNH D . 1.52 -11.23 7.91
ND ZNH D . 2.75 -15.43 2.93
C1D ZNH D . 3.32 -15.09 4.14
C2D ZNH D . 4.31 -16.08 4.52
C3D ZNH D . 4.32 -17.04 3.55
C4D ZNH D . 3.36 -16.61 2.55
CMD ZNH D . 5.19 -16.04 5.76
CAD ZNH D . 5.11 -18.35 3.56
CBD ZNH D . 4.22 -19.38 4.23
CGD ZNH D . 4.90 -20.72 4.46
O1D ZNH D . 6.06 -20.91 4.04
O2D ZNH D . 4.26 -21.59 5.07
FE HEC E . 0.90 16.22 8.07
CHA HEC E . -1.18 18.84 7.37
CHB HEC E . 0.86 15.29 4.79
CHC HEC E . 3.29 13.84 8.71
CHD HEC E . 0.81 17.01 11.39
NA HEC E . 0.02 16.96 6.38
C1A HEC E . -0.77 18.07 6.27
C2A HEC E . -1.18 18.25 4.90
C3A HEC E . -0.63 17.22 4.18
C4A HEC E . 0.12 16.42 5.12
CMA HEC E . -0.79 16.97 2.69
CAA HEC E . -2.03 19.38 4.35
CBA HEC E . -3.49 18.93 4.38
CGA HEC E . -4.45 19.93 3.76
O1A HEC E . -5.66 19.64 3.74
O2A HEC E . -4.00 21.00 3.30
NB HEC E . 1.91 14.84 6.95
C1B HEC E . 1.68 14.54 5.63
C2B HEC E . 2.46 13.39 5.22
C3B HEC E . 3.20 13.02 6.30
C4B HEC E . 2.84 13.92 7.39
CMB HEC E . 2.33 12.70 3.87
CAB HEC E . 4.18 12.04 6.36
CBB HEC E . 5.36 12.14 5.63
NC HEC E . 1.94 15.62 9.74
C1C HEC E . 2.89 14.62 9.80
C2C HEC E . 3.30 14.39 11.16
C3C HEC E . 2.56 15.24 11.94
C4C HEC E . 1.72 16.01 11.03
CMC HEC E . 4.35 13.37 11.57
CAC HEC E . 2.52 15.35 13.34
CBC HEC E . 3.63 15.54 14.14
ND HEC E . -0.07 17.64 9.18
C1D HEC E . -0.02 17.79 10.55
C2D HEC E . -0.82 18.90 10.95
C3D HEC E . -1.34 19.44 9.81
C4D HEC E . -0.87 18.65 8.72
CMD HEC E . -1.04 19.35 12.39
CAD HEC E . -2.16 20.72 9.71
CBD HEC E . -1.17 21.85 9.53
CGD HEC E . -1.79 23.24 9.60
O1D HEC E . -3.03 23.35 9.78
O2D HEC E . -1.04 24.22 9.48
ZN ZNH F . 0.92 16.22 8.05
CHA ZNH F . -1.18 18.82 7.36
CHB ZNH F . 0.88 15.29 4.78
CHC ZNH F . 3.29 13.81 8.71
CHD ZNH F . 0.80 17.00 11.38
NA ZNH F . 0.02 16.95 6.37
C1A ZNH F . -0.78 18.06 6.25
C2A ZNH F . -1.17 18.26 4.88
C3A ZNH F . -0.62 17.24 4.18
C4A ZNH F . 0.13 16.42 5.11
CMA ZNH F . -0.75 16.99 2.68
CAA ZNH F . -2.04 19.40 4.33
CBA ZNH F . -3.49 18.95 4.41
CGA ZNH F . -4.46 19.94 3.78
O1A ZNH F . -5.66 19.62 3.72
O2A ZNH F . -4.04 21.02 3.34
NB ZNH F . 1.91 14.83 6.94
C1B ZNH F . 1.69 14.54 5.62
C2B ZNH F . 2.47 13.39 5.21
C3B ZNH F . 3.21 13.01 6.29
C4B ZNH F . 2.83 13.91 7.39
CMB ZNH F . 2.35 12.71 3.85
CAB ZNH F . 4.19 12.03 6.36
CBB ZNH F . 5.34 12.16 5.61
NC ZNH F . 1.92 15.59 9.74
C1C ZNH F . 2.87 14.60 9.80
C2C ZNH F . 3.28 14.37 11.16
C3C ZNH F . 2.54 15.23 11.95
C4C ZNH F . 1.71 16.00 11.03
CMC ZNH F . 4.34 13.37 11.58
CAC ZNH F . 2.51 15.34 13.35
CBC ZNH F . 3.64 15.53 14.13
ND ZNH F . -0.07 17.63 9.18
C1D ZNH F . -0.03 17.78 10.54
C2D ZNH F . -0.83 18.88 10.94
C3D ZNH F . -1.34 19.42 9.80
C4D ZNH F . -0.87 18.63 8.70
CMD ZNH F . -1.04 19.34 12.38
CAD ZNH F . -2.17 20.70 9.68
CBD ZNH F . -1.18 21.84 9.48
CGD ZNH F . -1.81 23.23 9.58
O1D ZNH F . -3.03 23.35 9.75
O2D ZNH F . -1.04 24.21 9.51
#